data_5ZTY
#
_entry.id   5ZTY
#
_cell.length_a   34.295
_cell.length_b   106.240
_cell.length_c   183.403
_cell.angle_alpha   90.000
_cell.angle_beta   90.000
_cell.angle_gamma   90.000
#
_symmetry.space_group_name_H-M   'P 21 21 21'
#
loop_
_entity.id
_entity.type
_entity.pdbx_description
1 polymer 'G protein coupled receptor,T4 lysozyme,G protein coupled receptor'
2 non-polymer N-(adamantan-1-yl)-1-(5-hydroxypentyl)-4-methyl-5-phenyl-1H-pyrazole-3-carboxamide
3 non-polymer 'OLEIC ACID'
4 non-polymer '(2R)-2,3-dihydroxypropyl (9Z)-octadec-9-enoate'
5 non-polymer DI(HYDROXYETHYL)ETHER
6 non-polymer '4-(2-HYDROXYETHYL)-1-PIPERAZINE ETHANESULFONIC ACID'
7 non-polymer 'TETRAETHYLENE GLYCOL'
8 non-polymer 'SULFATE ION'
9 water water
#
_entity_poly.entity_id   1
_entity_poly.type   'polypeptide(L)'
_entity_poly.pdbx_seq_one_letter_code
;MKTIIALSYIFCLVFAGAPPMKDYMILSGPQKTAVAVLCTLLGLLSALENVAVLYLILSSHQLRRKPSYLFIGSLALADF
LASVVFACSFVNFHVFHGVDSKAVFLLKIGSVTMTFTASVGSLLLAAIDRYLCLRYPPSYKALLTRGRALVLLGIMWVLS
ALVSYLPLMGWTCCPRPCSELFPLIPNDYLLSWLLFIAFLFSGIIYTYGHVLWKAHQHVASNIFEMLRIDEGLRLKIYKD
TEGYYTIGIGHLLTKSPSLNAAKSELDKAIGRNTNGVITKDEAEKLFNQDVDAAVRGILRNAKLKPVYDSLDAVRRAALI
NMVFQMGETGVAGFTNSLRMLQQKRWDEAAVNLAKSRWYNQTPNRAKRVITTFRTGTWDAYARMRLDVELAKTLGLVLAV
LLICWFPVLALMAHSLATTLSDQVKKAFAFCSMLCLINSMVNPVIYALRSEEIRSSAHHCLAHWKKCVRGLGEFLEVLFQ
GPHHHHHHHHHHDYKDDDDK
;
_entity_poly.pdbx_strand_id   A
#
# COMPACT_ATOMS: atom_id res chain seq x y z
N ALA A 18 31.42 34.24 -11.60
CA ALA A 18 30.20 33.72 -10.98
C ALA A 18 29.03 34.73 -11.11
N PRO A 19 27.85 34.35 -11.70
CA PRO A 19 26.75 35.32 -11.86
C PRO A 19 26.00 35.64 -10.56
N PRO A 20 25.72 36.95 -10.27
CA PRO A 20 25.00 37.29 -9.02
C PRO A 20 23.59 36.70 -8.87
N MET A 21 23.23 36.40 -7.61
CA MET A 21 21.96 35.80 -7.17
C MET A 21 20.71 36.60 -7.57
N LYS A 22 20.87 37.92 -7.88
CA LYS A 22 19.79 38.80 -8.30
C LYS A 22 19.28 38.49 -9.70
N ASP A 23 20.09 37.80 -10.52
CA ASP A 23 19.77 37.43 -11.90
C ASP A 23 18.80 36.26 -11.99
N TYR A 24 18.73 35.43 -10.93
CA TYR A 24 17.86 34.27 -10.81
C TYR A 24 16.55 34.67 -10.11
N MET A 25 16.56 35.81 -9.39
CA MET A 25 15.42 36.35 -8.66
C MET A 25 14.44 36.99 -9.64
N ILE A 26 13.64 36.13 -10.31
CA ILE A 26 12.64 36.53 -11.28
C ILE A 26 11.25 36.49 -10.64
N LEU A 27 10.55 37.65 -10.72
CA LEU A 27 9.23 37.93 -10.17
C LEU A 27 8.68 39.20 -10.83
N SER A 28 7.36 39.24 -11.04
CA SER A 28 6.74 40.40 -11.69
C SER A 28 5.55 40.95 -10.89
N GLY A 29 5.87 41.75 -9.86
CA GLY A 29 4.94 42.45 -8.99
C GLY A 29 3.85 41.60 -8.33
N PRO A 30 2.57 41.73 -8.79
CA PRO A 30 1.48 40.96 -8.16
C PRO A 30 1.55 39.44 -8.36
N GLN A 31 2.36 38.96 -9.33
CA GLN A 31 2.50 37.51 -9.54
C GLN A 31 3.33 36.86 -8.41
N LYS A 32 4.23 37.65 -7.79
CA LYS A 32 5.08 37.27 -6.65
C LYS A 32 4.24 37.14 -5.39
N THR A 33 3.20 37.99 -5.22
CA THR A 33 2.29 37.96 -4.07
C THR A 33 1.37 36.74 -4.14
N ALA A 34 1.13 36.21 -5.36
CA ALA A 34 0.33 35.02 -5.62
C ALA A 34 1.09 33.78 -5.13
N VAL A 35 2.43 33.72 -5.35
CA VAL A 35 3.27 32.61 -4.87
C VAL A 35 3.43 32.72 -3.36
N ALA A 36 3.46 33.97 -2.84
CA ALA A 36 3.60 34.29 -1.41
C ALA A 36 2.47 33.73 -0.55
N VAL A 37 1.24 33.67 -1.10
CA VAL A 37 0.09 33.11 -0.38
C VAL A 37 -0.02 31.58 -0.64
N LEU A 38 0.26 31.14 -1.89
CA LEU A 38 0.21 29.73 -2.31
C LEU A 38 1.27 28.87 -1.60
N CYS A 39 2.56 29.24 -1.71
CA CYS A 39 3.69 28.54 -1.10
C CYS A 39 3.56 28.45 0.42
N THR A 40 3.01 29.50 1.06
CA THR A 40 2.78 29.56 2.51
C THR A 40 1.68 28.58 2.93
N LEU A 41 0.51 28.62 2.24
CA LEU A 41 -0.63 27.73 2.54
C LEU A 41 -0.34 26.26 2.27
N LEU A 42 0.31 25.93 1.13
CA LEU A 42 0.68 24.56 0.79
C LEU A 42 1.74 24.00 1.74
N GLY A 43 2.75 24.82 2.04
CA GLY A 43 3.84 24.48 2.94
C GLY A 43 3.41 24.23 4.38
N LEU A 44 2.36 24.95 4.83
CA LEU A 44 1.82 24.82 6.18
C LEU A 44 0.97 23.56 6.27
N LEU A 45 0.19 23.27 5.21
CA LEU A 45 -0.67 22.10 5.11
C LEU A 45 0.15 20.82 4.98
N SER A 46 1.23 20.83 4.15
CA SER A 46 2.12 19.68 3.92
C SER A 46 2.84 19.26 5.20
N ALA A 47 3.39 20.25 5.95
CA ALA A 47 4.09 20.04 7.22
C ALA A 47 3.16 19.47 8.29
N LEU A 48 1.92 19.99 8.38
CA LEU A 48 0.92 19.55 9.36
C LEU A 48 0.36 18.16 9.06
N GLU A 49 0.31 17.76 7.78
CA GLU A 49 -0.16 16.44 7.36
C GLU A 49 0.89 15.36 7.65
N ASN A 50 2.18 15.66 7.40
CA ASN A 50 3.30 14.73 7.62
C ASN A 50 3.62 14.52 9.10
N VAL A 51 3.59 15.61 9.91
CA VAL A 51 3.85 15.57 11.36
C VAL A 51 2.78 14.74 12.11
N ALA A 52 1.60 14.55 11.49
CA ALA A 52 0.53 13.73 12.03
C ALA A 52 0.92 12.25 11.85
N VAL A 53 1.43 11.90 10.64
CA VAL A 53 1.89 10.54 10.27
C VAL A 53 3.07 10.11 11.16
N LEU A 54 3.96 11.05 11.50
CA LEU A 54 5.10 10.78 12.39
C LEU A 54 4.61 10.47 13.80
N TYR A 55 3.64 11.29 14.31
CA TYR A 55 3.07 11.12 15.64
C TYR A 55 2.39 9.76 15.78
N LEU A 56 1.45 9.45 14.87
CA LEU A 56 0.68 8.21 14.78
C LEU A 56 1.54 6.93 14.79
N ILE A 57 2.69 6.93 14.07
CA ILE A 57 3.61 5.77 14.02
C ILE A 57 4.39 5.62 15.34
N LEU A 58 4.97 6.74 15.83
CA LEU A 58 5.75 6.78 17.08
C LEU A 58 4.91 6.52 18.33
N SER A 59 3.59 6.86 18.29
CA SER A 59 2.66 6.68 19.42
C SER A 59 2.05 5.29 19.51
N SER A 60 1.91 4.60 18.36
CA SER A 60 1.29 3.28 18.33
C SER A 60 2.29 2.13 18.36
N HIS A 61 2.29 1.44 19.51
CA HIS A 61 3.04 0.25 19.92
C HIS A 61 3.15 -0.81 18.81
N GLN A 62 2.05 -1.08 18.09
CA GLN A 62 1.97 -2.05 17.00
C GLN A 62 2.76 -1.61 15.76
N LEU A 63 2.86 -0.29 15.53
CA LEU A 63 3.53 0.30 14.36
C LEU A 63 5.03 0.48 14.55
N ARG A 64 5.45 1.17 15.64
CA ARG A 64 6.84 1.49 15.97
C ARG A 64 7.80 0.28 15.96
N ARG A 65 7.30 -0.91 16.36
CA ARG A 65 8.08 -2.15 16.41
C ARG A 65 8.24 -2.86 15.05
N LYS A 66 7.35 -2.54 14.09
CA LYS A 66 7.41 -3.17 12.76
C LYS A 66 8.42 -2.44 11.87
N PRO A 67 9.42 -3.16 11.30
CA PRO A 67 10.38 -2.50 10.39
C PRO A 67 9.75 -1.88 9.14
N SER A 68 8.56 -2.36 8.73
CA SER A 68 7.86 -1.83 7.56
C SER A 68 7.35 -0.40 7.78
N TYR A 69 6.89 -0.09 9.02
CA TYR A 69 6.37 1.23 9.38
C TYR A 69 7.46 2.26 9.73
N LEU A 70 8.69 1.80 10.01
CA LEU A 70 9.80 2.71 10.30
C LEU A 70 10.32 3.36 9.00
N PHE A 71 10.21 2.64 7.85
CA PHE A 71 10.59 3.16 6.54
C PHE A 71 9.58 4.21 6.07
N ILE A 72 8.27 3.98 6.34
CA ILE A 72 7.17 4.91 6.07
C ILE A 72 7.39 6.22 6.88
N GLY A 73 7.77 6.07 8.17
CA GLY A 73 8.07 7.17 9.07
C GLY A 73 9.21 8.04 8.58
N SER A 74 10.23 7.41 7.95
CA SER A 74 11.39 8.10 7.37
C SER A 74 10.97 8.95 6.15
N LEU A 75 9.96 8.48 5.39
CA LEU A 75 9.39 9.19 4.23
C LEU A 75 8.62 10.43 4.76
N ALA A 76 7.82 10.26 5.84
CA ALA A 76 7.08 11.34 6.52
C ALA A 76 8.04 12.42 7.06
N LEU A 77 9.21 12.01 7.61
CA LEU A 77 10.23 12.93 8.14
C LEU A 77 10.89 13.72 7.01
N ALA A 78 11.28 13.02 5.91
CA ALA A 78 11.94 13.60 4.74
C ALA A 78 11.04 14.63 4.08
N ASP A 79 9.73 14.34 4.02
CA ASP A 79 8.71 15.22 3.44
C ASP A 79 8.44 16.45 4.34
N PHE A 80 8.40 16.27 5.67
CA PHE A 80 8.19 17.34 6.65
C PHE A 80 9.37 18.32 6.67
N LEU A 81 10.62 17.80 6.69
CA LEU A 81 11.82 18.63 6.70
C LEU A 81 11.92 19.44 5.40
N ALA A 82 11.58 18.80 4.26
CA ALA A 82 11.55 19.41 2.92
C ALA A 82 10.53 20.54 2.89
N SER A 83 9.25 20.27 3.26
CA SER A 83 8.15 21.24 3.31
C SER A 83 8.55 22.54 4.02
N VAL A 84 9.23 22.43 5.18
CA VAL A 84 9.67 23.58 5.97
C VAL A 84 10.86 24.29 5.29
N VAL A 85 11.93 23.55 4.92
CA VAL A 85 13.13 24.11 4.28
C VAL A 85 12.79 24.78 2.93
N PHE A 86 12.17 24.03 2.00
CA PHE A 86 11.77 24.48 0.66
C PHE A 86 10.88 25.72 0.67
N ALA A 87 9.81 25.78 1.50
CA ALA A 87 8.91 26.94 1.54
C ALA A 87 9.55 28.19 2.14
N CYS A 88 10.36 28.04 3.21
CA CYS A 88 11.03 29.17 3.86
C CYS A 88 12.17 29.72 3.05
N SER A 89 12.81 28.88 2.23
CA SER A 89 13.93 29.28 1.35
C SER A 89 13.43 29.81 0.01
N PHE A 90 12.19 29.44 -0.39
CA PHE A 90 11.57 29.89 -1.64
C PHE A 90 11.03 31.29 -1.46
N VAL A 91 10.12 31.49 -0.45
CA VAL A 91 9.49 32.78 -0.13
C VAL A 91 10.55 33.84 0.27
N ASN A 92 11.71 33.41 0.80
CA ASN A 92 12.79 34.31 1.16
C ASN A 92 13.60 34.72 -0.08
N PHE A 93 13.89 33.74 -0.97
CA PHE A 93 14.67 33.99 -2.20
C PHE A 93 13.87 34.77 -3.24
N HIS A 94 12.72 34.20 -3.68
CA HIS A 94 11.89 34.80 -4.73
C HIS A 94 11.04 35.98 -4.27
N VAL A 95 10.38 35.92 -3.09
CA VAL A 95 9.50 37.00 -2.64
C VAL A 95 10.26 38.12 -1.89
N PHE A 96 10.87 37.83 -0.72
CA PHE A 96 11.56 38.83 0.11
C PHE A 96 13.00 39.20 -0.32
N HIS A 97 13.57 38.50 -1.33
CA HIS A 97 14.93 38.70 -1.86
C HIS A 97 16.00 38.45 -0.78
N GLY A 98 16.37 37.19 -0.61
CA GLY A 98 17.32 36.75 0.39
C GLY A 98 18.76 36.91 -0.03
N VAL A 99 19.39 38.00 0.43
CA VAL A 99 20.78 38.31 0.12
C VAL A 99 21.72 37.39 0.96
N ASP A 100 21.82 36.12 0.54
CA ASP A 100 22.62 35.12 1.23
C ASP A 100 24.05 35.01 0.72
N SER A 101 25.02 34.87 1.64
CA SER A 101 26.45 34.69 1.30
C SER A 101 26.67 33.24 0.83
N LYS A 102 27.78 33.02 0.08
CA LYS A 102 28.17 31.73 -0.52
C LYS A 102 28.04 30.53 0.42
N ALA A 103 28.53 30.65 1.68
CA ALA A 103 28.48 29.58 2.68
C ALA A 103 27.06 29.29 3.16
N VAL A 104 26.26 30.35 3.42
CA VAL A 104 24.87 30.25 3.88
C VAL A 104 23.94 29.66 2.80
N PHE A 105 24.15 30.08 1.53
CA PHE A 105 23.36 29.62 0.39
C PHE A 105 23.63 28.15 0.04
N LEU A 106 24.92 27.71 0.08
CA LEU A 106 25.32 26.34 -0.25
C LEU A 106 24.74 25.29 0.71
N LEU A 107 24.63 25.63 2.02
CA LEU A 107 24.03 24.72 2.99
C LEU A 107 22.49 24.68 2.85
N LYS A 108 21.87 25.79 2.37
CA LYS A 108 20.42 25.90 2.13
C LYS A 108 20.03 25.03 0.95
N ILE A 109 20.74 25.17 -0.20
CA ILE A 109 20.50 24.37 -1.41
C ILE A 109 20.85 22.88 -1.13
N GLY A 110 21.83 22.65 -0.25
CA GLY A 110 22.25 21.32 0.20
C GLY A 110 21.20 20.66 1.06
N SER A 111 20.53 21.45 1.94
CA SER A 111 19.45 20.99 2.83
C SER A 111 18.22 20.60 2.03
N VAL A 112 17.92 21.35 0.93
CA VAL A 112 16.79 21.11 0.02
C VAL A 112 17.00 19.79 -0.72
N THR A 113 18.20 19.60 -1.33
CA THR A 113 18.59 18.41 -2.09
C THR A 113 18.56 17.14 -1.21
N MET A 114 19.17 17.20 0.01
CA MET A 114 19.26 16.09 0.97
C MET A 114 17.89 15.55 1.43
N THR A 115 16.97 16.44 1.86
CA THR A 115 15.62 16.06 2.31
C THR A 115 14.77 15.48 1.17
N PHE A 116 15.10 15.81 -0.09
CA PHE A 116 14.42 15.30 -1.28
C PHE A 116 15.01 13.94 -1.71
N THR A 117 16.36 13.79 -1.65
CA THR A 117 17.07 12.55 -2.00
C THR A 117 16.70 11.42 -1.03
N ALA A 118 16.57 11.73 0.28
CA ALA A 118 16.20 10.78 1.32
C ALA A 118 14.79 10.20 1.14
N SER A 119 13.91 10.90 0.39
CA SER A 119 12.54 10.44 0.08
C SER A 119 12.57 9.30 -0.93
N VAL A 120 13.45 9.43 -1.96
CA VAL A 120 13.66 8.45 -3.04
C VAL A 120 14.33 7.22 -2.44
N GLY A 121 15.28 7.45 -1.53
CA GLY A 121 16.00 6.43 -0.79
C GLY A 121 15.06 5.64 0.09
N SER A 122 14.23 6.37 0.89
CA SER A 122 13.23 5.80 1.80
C SER A 122 12.27 4.88 1.07
N LEU A 123 11.83 5.30 -0.15
CA LEU A 123 10.94 4.53 -1.02
C LEU A 123 11.62 3.24 -1.50
N LEU A 124 12.89 3.33 -1.93
CA LEU A 124 13.67 2.18 -2.40
C LEU A 124 13.75 1.08 -1.34
N LEU A 125 14.03 1.45 -0.07
CA LEU A 125 14.09 0.52 1.07
C LEU A 125 12.71 -0.07 1.38
N ALA A 126 11.63 0.71 1.20
CA ALA A 126 10.25 0.27 1.41
C ALA A 126 9.86 -0.79 0.36
N ALA A 127 10.36 -0.65 -0.89
CA ALA A 127 10.11 -1.55 -2.02
C ALA A 127 10.92 -2.86 -1.93
N ILE A 128 12.12 -2.84 -1.30
CA ILE A 128 12.90 -4.06 -1.15
C ILE A 128 12.38 -4.86 0.08
N ASP A 129 11.87 -4.14 1.11
CA ASP A 129 11.25 -4.69 2.32
C ASP A 129 10.05 -5.58 1.96
N ARG A 130 9.24 -5.13 0.99
CA ARG A 130 8.05 -5.85 0.51
C ARG A 130 8.45 -7.06 -0.31
N TYR A 131 9.51 -6.93 -1.16
CA TYR A 131 10.00 -8.03 -2.00
C TYR A 131 10.48 -9.21 -1.15
N LEU A 132 11.29 -8.95 -0.10
CA LEU A 132 11.80 -9.99 0.81
C LEU A 132 10.68 -10.67 1.63
N CYS A 133 9.64 -9.89 2.01
CA CYS A 133 8.48 -10.35 2.76
C CYS A 133 7.60 -11.31 1.92
N LEU A 134 7.25 -10.91 0.67
CA LEU A 134 6.41 -11.68 -0.25
C LEU A 134 7.16 -12.76 -1.06
N ARG A 135 8.51 -12.66 -1.18
CA ARG A 135 9.29 -13.65 -1.93
C ARG A 135 9.82 -14.76 -1.01
N TYR A 136 10.43 -14.38 0.14
CA TYR A 136 10.94 -15.32 1.16
C TYR A 136 10.21 -15.06 2.52
N PRO A 137 8.93 -15.53 2.68
CA PRO A 137 8.18 -15.23 3.92
C PRO A 137 8.80 -15.72 5.25
N PRO A 138 9.20 -17.00 5.49
CA PRO A 138 9.75 -17.35 6.82
C PRO A 138 11.11 -16.73 7.15
N SER A 139 11.94 -16.49 6.13
CA SER A 139 13.28 -15.91 6.27
C SER A 139 13.29 -14.41 6.58
N TYR A 140 12.16 -13.70 6.38
CA TYR A 140 12.03 -12.25 6.62
C TYR A 140 12.19 -11.86 8.09
N LYS A 141 11.54 -12.59 9.02
CA LYS A 141 11.63 -12.32 10.47
C LYS A 141 13.06 -12.50 11.01
N ALA A 142 13.80 -13.47 10.44
CA ALA A 142 15.20 -13.74 10.78
C ALA A 142 16.13 -12.67 10.19
N LEU A 143 15.76 -12.12 9.00
CA LEU A 143 16.53 -11.09 8.30
C LEU A 143 16.23 -9.67 8.80
N LEU A 144 15.05 -9.10 8.47
CA LEU A 144 14.66 -7.74 8.89
C LEU A 144 14.24 -7.68 10.36
N THR A 145 14.99 -6.90 11.14
CA THR A 145 14.79 -6.65 12.57
C THR A 145 14.66 -5.14 12.80
N ARG A 146 14.05 -4.72 13.93
CA ARG A 146 13.84 -3.33 14.33
C ARG A 146 15.18 -2.56 14.37
N GLY A 147 16.21 -3.19 14.93
CA GLY A 147 17.56 -2.64 15.05
C GLY A 147 18.27 -2.55 13.72
N ARG A 148 18.28 -3.66 12.96
CA ARG A 148 18.88 -3.76 11.63
C ARG A 148 18.28 -2.77 10.64
N ALA A 149 16.95 -2.49 10.77
CA ALA A 149 16.24 -1.53 9.93
C ALA A 149 16.73 -0.12 10.22
N LEU A 150 16.88 0.24 11.52
CA LEU A 150 17.35 1.56 11.95
C LEU A 150 18.80 1.87 11.49
N VAL A 151 19.66 0.82 11.41
CA VAL A 151 21.04 0.93 10.94
C VAL A 151 21.03 1.17 9.41
N LEU A 152 20.18 0.43 8.67
CA LEU A 152 20.04 0.58 7.22
C LEU A 152 19.50 1.95 6.82
N LEU A 153 18.59 2.50 7.65
CA LEU A 153 18.03 3.84 7.49
C LEU A 153 19.12 4.90 7.79
N GLY A 154 20.10 4.53 8.62
CA GLY A 154 21.24 5.35 9.02
C GLY A 154 22.24 5.59 7.89
N ILE A 155 22.56 4.53 7.13
CA ILE A 155 23.50 4.55 5.98
C ILE A 155 22.91 5.41 4.84
N MET A 156 21.60 5.23 4.57
CA MET A 156 20.86 5.95 3.55
C MET A 156 20.91 7.47 3.77
N TRP A 157 20.50 7.93 4.97
CA TRP A 157 20.52 9.36 5.35
C TRP A 157 21.91 9.99 5.21
N VAL A 158 22.96 9.22 5.56
CA VAL A 158 24.38 9.62 5.47
C VAL A 158 24.78 9.76 3.98
N LEU A 159 24.52 8.71 3.15
CA LEU A 159 24.80 8.73 1.70
C LEU A 159 24.11 9.91 1.03
N SER A 160 22.85 10.19 1.43
CA SER A 160 22.04 11.31 0.95
C SER A 160 22.74 12.64 1.22
N ALA A 161 23.33 12.81 2.42
CA ALA A 161 24.05 14.00 2.81
C ALA A 161 25.39 14.12 2.08
N LEU A 162 26.01 12.98 1.68
CA LEU A 162 27.30 12.97 0.97
C LEU A 162 27.14 13.46 -0.47
N VAL A 163 26.08 13.03 -1.14
CA VAL A 163 25.76 13.38 -2.53
C VAL A 163 25.31 14.85 -2.64
N SER A 164 24.38 15.27 -1.76
CA SER A 164 23.77 16.60 -1.71
C SER A 164 24.70 17.75 -1.29
N TYR A 165 25.61 17.52 -0.30
CA TYR A 165 26.52 18.56 0.22
C TYR A 165 27.87 18.63 -0.52
N LEU A 166 27.98 17.95 -1.69
CA LEU A 166 29.16 17.96 -2.55
C LEU A 166 29.54 19.39 -3.06
N PRO A 167 28.60 20.30 -3.47
CA PRO A 167 29.03 21.66 -3.87
C PRO A 167 29.61 22.45 -2.69
N LEU A 168 29.13 22.18 -1.44
CA LEU A 168 29.62 22.82 -0.21
C LEU A 168 31.07 22.37 0.11
N MET A 169 31.50 21.20 -0.41
CA MET A 169 32.84 20.65 -0.24
C MET A 169 33.85 21.24 -1.24
N GLY A 170 33.36 22.04 -2.18
CA GLY A 170 34.19 22.70 -3.19
C GLY A 170 33.84 22.42 -4.63
N TRP A 171 32.69 21.74 -4.88
CA TRP A 171 32.27 21.43 -6.24
C TRP A 171 31.25 22.46 -6.76
N THR A 172 31.70 23.72 -6.82
CA THR A 172 30.95 24.87 -7.35
C THR A 172 31.48 25.23 -8.73
N CYS A 173 30.72 26.04 -9.50
CA CYS A 173 31.16 26.42 -10.84
C CYS A 173 32.15 27.61 -10.85
N CYS A 174 33.40 27.36 -10.43
CA CYS A 174 34.44 28.41 -10.44
C CYS A 174 34.92 28.62 -11.92
N PRO A 175 35.74 27.74 -12.55
CA PRO A 175 36.03 27.92 -13.99
C PRO A 175 35.01 27.18 -14.88
N ARG A 176 34.38 26.10 -14.34
CA ARG A 176 33.39 25.23 -15.00
C ARG A 176 32.07 25.99 -15.29
N PRO A 177 31.35 25.69 -16.41
CA PRO A 177 30.11 26.42 -16.70
C PRO A 177 28.99 26.28 -15.67
N CYS A 178 28.38 27.41 -15.28
CA CYS A 178 27.30 27.48 -14.29
C CYS A 178 25.93 27.11 -14.87
N SER A 179 25.03 26.58 -14.02
CA SER A 179 23.68 26.20 -14.44
C SER A 179 22.76 27.42 -14.64
N GLU A 180 21.65 27.22 -15.36
CA GLU A 180 20.66 28.25 -15.67
C GLU A 180 19.73 28.55 -14.49
N LEU A 181 19.18 27.49 -13.87
CA LEU A 181 18.19 27.55 -12.79
C LEU A 181 18.73 27.69 -11.36
N PHE A 182 19.90 27.08 -11.05
CA PHE A 182 20.43 27.08 -9.69
C PHE A 182 21.74 27.84 -9.53
N PRO A 183 21.77 28.90 -8.68
CA PRO A 183 23.02 29.66 -8.48
C PRO A 183 24.15 28.88 -7.79
N LEU A 184 25.39 29.05 -8.32
CA LEU A 184 26.69 28.49 -7.90
C LEU A 184 26.94 27.01 -8.30
N ILE A 185 25.89 26.27 -8.71
CA ILE A 185 26.00 24.85 -9.09
C ILE A 185 26.35 24.68 -10.59
N PRO A 186 27.37 23.85 -10.93
CA PRO A 186 27.73 23.67 -12.37
C PRO A 186 26.93 22.57 -13.06
N ASN A 187 26.88 22.62 -14.41
CA ASN A 187 26.17 21.66 -15.25
C ASN A 187 26.70 20.21 -15.14
N ASP A 188 28.00 20.02 -14.84
CA ASP A 188 28.56 18.67 -14.68
C ASP A 188 28.06 18.00 -13.38
N TYR A 189 27.70 18.82 -12.35
CA TYR A 189 27.13 18.32 -11.10
C TYR A 189 25.65 17.98 -11.31
N LEU A 190 24.90 18.90 -11.96
CA LEU A 190 23.48 18.80 -12.25
C LEU A 190 23.17 17.53 -13.03
N LEU A 191 23.98 17.24 -14.08
CA LEU A 191 23.87 16.04 -14.92
C LEU A 191 24.19 14.78 -14.10
N SER A 192 25.14 14.88 -13.16
CA SER A 192 25.54 13.78 -12.28
C SER A 192 24.47 13.43 -11.24
N TRP A 193 23.75 14.44 -10.71
CA TRP A 193 22.66 14.25 -9.74
C TRP A 193 21.41 13.68 -10.41
N LEU A 194 21.10 14.13 -11.64
CA LEU A 194 19.95 13.66 -12.42
C LEU A 194 20.13 12.20 -12.87
N LEU A 195 21.37 11.83 -13.26
CA LEU A 195 21.72 10.46 -13.65
C LEU A 195 21.66 9.52 -12.45
N PHE A 196 22.05 10.02 -11.24
CA PHE A 196 21.99 9.26 -9.99
C PHE A 196 20.54 8.97 -9.59
N ILE A 197 19.67 10.00 -9.70
CA ILE A 197 18.23 9.91 -9.38
C ILE A 197 17.51 8.97 -10.39
N ALA A 198 17.94 9.00 -11.67
CA ALA A 198 17.42 8.15 -12.74
C ALA A 198 17.73 6.66 -12.47
N PHE A 199 18.93 6.40 -11.89
CA PHE A 199 19.33 5.03 -11.56
CA PHE A 199 19.41 5.06 -11.52
C PHE A 199 18.57 4.49 -10.35
N LEU A 200 18.30 5.34 -9.33
CA LEU A 200 17.51 4.99 -8.14
C LEU A 200 16.08 4.64 -8.54
N PHE A 201 15.49 5.40 -9.49
CA PHE A 201 14.14 5.20 -10.02
C PHE A 201 14.01 3.86 -10.76
N SER A 202 15.03 3.48 -11.56
CA SER A 202 15.08 2.21 -12.31
C SER A 202 15.12 1.03 -11.31
N GLY A 203 15.88 1.18 -10.23
CA GLY A 203 16.02 0.21 -9.15
C GLY A 203 14.70 -0.03 -8.43
N ILE A 204 13.94 1.05 -8.18
CA ILE A 204 12.61 1.01 -7.56
C ILE A 204 11.62 0.31 -8.52
N ILE A 205 11.66 0.68 -9.83
CA ILE A 205 10.80 0.10 -10.88
C ILE A 205 11.04 -1.41 -11.01
N TYR A 206 12.32 -1.84 -11.16
CA TYR A 206 12.70 -3.25 -11.28
C TYR A 206 12.16 -4.08 -10.13
N THR A 207 12.35 -3.60 -8.88
CA THR A 207 11.86 -4.29 -7.69
C THR A 207 10.34 -4.30 -7.67
N TYR A 208 9.68 -3.13 -7.88
CA TYR A 208 8.21 -3.03 -7.87
C TYR A 208 7.56 -3.84 -9.00
N GLY A 209 8.32 -4.18 -10.04
CA GLY A 209 7.86 -5.03 -11.14
C GLY A 209 7.67 -6.46 -10.66
N HIS A 210 8.62 -6.94 -9.83
CA HIS A 210 8.58 -8.27 -9.23
C HIS A 210 7.63 -8.30 -8.02
N VAL A 211 7.53 -7.18 -7.26
CA VAL A 211 6.65 -7.02 -6.09
C VAL A 211 5.19 -7.26 -6.47
N LEU A 212 4.73 -6.67 -7.59
CA LEU A 212 3.37 -6.81 -8.14
C LEU A 212 3.04 -8.28 -8.45
N TRP A 213 3.94 -8.94 -9.22
CA TRP A 213 3.91 -10.33 -9.67
C TRP A 213 3.68 -11.28 -8.49
N LYS A 214 4.44 -11.10 -7.39
CA LYS A 214 4.28 -11.91 -6.18
C LYS A 214 3.01 -11.55 -5.42
N ALA A 215 2.76 -10.24 -5.17
CA ALA A 215 1.55 -9.74 -4.48
C ALA A 215 0.27 -10.29 -5.10
N HIS A 216 0.29 -10.51 -6.44
CA HIS A 216 -0.82 -11.06 -7.22
C HIS A 216 -1.04 -12.56 -6.91
N GLN A 217 0.06 -13.33 -6.80
CA GLN A 217 0.02 -14.77 -6.53
C GLN A 217 -0.51 -15.12 -5.12
N HIS A 218 -0.66 -14.10 -4.25
CA HIS A 218 -1.13 -14.25 -2.87
C HIS A 218 -2.66 -14.25 -2.74
N VAL A 219 -3.37 -13.42 -3.56
CA VAL A 219 -4.84 -13.34 -3.56
C VAL A 219 -5.49 -14.54 -4.26
N ALA A 220 -6.61 -15.02 -3.70
CA ALA A 220 -7.40 -16.12 -4.21
C ALA A 220 -8.08 -15.75 -5.54
N SER A 221 -8.30 -16.75 -6.41
CA SER A 221 -8.94 -16.56 -7.73
C SER A 221 -9.88 -17.75 -8.04
N ASN A 222 -10.18 -18.55 -7.00
CA ASN A 222 -10.97 -19.79 -7.05
C ASN A 222 -11.87 -19.90 -5.86
N ILE A 223 -12.83 -20.85 -5.95
CA ILE A 223 -13.73 -21.24 -4.86
C ILE A 223 -12.91 -22.15 -3.94
N PHE A 224 -12.00 -22.99 -4.51
CA PHE A 224 -11.08 -23.91 -3.81
C PHE A 224 -10.15 -23.10 -2.91
N GLU A 225 -9.59 -21.99 -3.45
CA GLU A 225 -8.69 -21.08 -2.72
C GLU A 225 -9.44 -20.25 -1.65
N MET A 226 -10.71 -19.82 -1.94
CA MET A 226 -11.59 -19.07 -1.03
C MET A 226 -11.97 -19.98 0.16
N LEU A 227 -12.44 -21.20 -0.12
CA LEU A 227 -12.87 -22.16 0.90
C LEU A 227 -11.69 -22.81 1.66
N ARG A 228 -10.44 -22.63 1.18
CA ARG A 228 -9.24 -23.09 1.86
C ARG A 228 -9.01 -22.17 3.07
N ILE A 229 -9.14 -20.84 2.88
CA ILE A 229 -9.04 -19.81 3.92
C ILE A 229 -10.15 -19.99 5.01
N ASP A 230 -11.42 -20.24 4.61
CA ASP A 230 -12.56 -20.38 5.52
C ASP A 230 -12.63 -21.74 6.28
N GLU A 231 -12.69 -22.88 5.54
CA GLU A 231 -12.76 -24.24 6.12
C GLU A 231 -11.38 -24.75 6.62
N GLY A 232 -10.34 -24.59 5.79
CA GLY A 232 -8.99 -25.03 6.10
C GLY A 232 -8.69 -26.39 5.52
N LEU A 233 -7.80 -26.44 4.49
CA LEU A 233 -7.42 -27.69 3.84
C LEU A 233 -6.52 -28.56 4.72
N ARG A 234 -7.03 -29.73 5.14
CA ARG A 234 -6.30 -30.70 5.96
C ARG A 234 -6.40 -32.07 5.24
N LEU A 235 -5.27 -32.79 5.10
CA LEU A 235 -5.21 -34.07 4.38
C LEU A 235 -5.33 -35.33 5.29
N LYS A 236 -5.49 -35.13 6.62
CA LYS A 236 -5.71 -36.19 7.65
C LYS A 236 -7.04 -35.88 8.36
N ILE A 237 -7.78 -36.91 8.79
CA ILE A 237 -9.05 -36.77 9.51
C ILE A 237 -8.94 -35.70 10.64
N TYR A 238 -9.94 -34.80 10.75
CA TYR A 238 -10.01 -33.78 11.80
C TYR A 238 -11.44 -33.65 12.40
N LYS A 239 -11.62 -32.81 13.43
CA LYS A 239 -12.93 -32.55 14.05
C LYS A 239 -13.33 -31.08 13.83
N ASP A 240 -14.62 -30.84 13.50
CA ASP A 240 -15.15 -29.48 13.28
C ASP A 240 -15.64 -28.86 14.62
N THR A 241 -16.16 -27.61 14.60
CA THR A 241 -16.62 -26.83 15.77
C THR A 241 -17.69 -27.58 16.60
N GLU A 242 -18.50 -28.42 15.93
CA GLU A 242 -19.57 -29.22 16.54
C GLU A 242 -19.06 -30.61 16.97
N GLY A 243 -17.88 -30.99 16.48
CA GLY A 243 -17.21 -32.24 16.83
C GLY A 243 -17.31 -33.42 15.86
N TYR A 244 -17.82 -33.21 14.65
CA TYR A 244 -17.93 -34.28 13.67
C TYR A 244 -16.61 -34.55 12.96
N TYR A 245 -16.31 -35.85 12.70
CA TYR A 245 -15.14 -36.33 11.97
C TYR A 245 -15.26 -35.87 10.50
N THR A 246 -14.27 -35.11 10.03
CA THR A 246 -14.22 -34.43 8.72
C THR A 246 -12.81 -34.58 8.07
N ILE A 247 -12.73 -34.38 6.73
CA ILE A 247 -11.47 -34.43 5.96
C ILE A 247 -11.52 -33.43 4.76
N GLY A 248 -10.36 -33.04 4.25
CA GLY A 248 -10.20 -32.15 3.10
C GLY A 248 -10.67 -30.72 3.34
N ILE A 249 -11.56 -30.23 2.46
CA ILE A 249 -12.19 -28.92 2.58
C ILE A 249 -13.63 -29.16 3.04
N GLY A 250 -13.77 -29.32 4.36
CA GLY A 250 -15.03 -29.56 5.06
C GLY A 250 -15.88 -30.76 4.66
N HIS A 251 -15.28 -31.84 4.12
CA HIS A 251 -16.05 -33.03 3.71
C HIS A 251 -16.39 -33.91 4.91
N LEU A 252 -17.69 -34.02 5.24
CA LEU A 252 -18.18 -34.83 6.37
C LEU A 252 -18.08 -36.34 6.07
N LEU A 253 -17.43 -37.10 6.99
CA LEU A 253 -17.26 -38.55 6.86
C LEU A 253 -18.39 -39.37 7.52
N THR A 254 -18.73 -39.05 8.78
CA THR A 254 -19.76 -39.74 9.57
C THR A 254 -20.35 -38.84 10.67
N LYS A 255 -21.53 -39.23 11.19
CA LYS A 255 -22.27 -38.57 12.28
C LYS A 255 -22.08 -39.33 13.64
N SER A 256 -21.27 -40.42 13.62
CA SER A 256 -20.98 -41.27 14.80
C SER A 256 -19.64 -40.90 15.47
N PRO A 257 -19.45 -41.21 16.79
CA PRO A 257 -18.17 -40.84 17.46
C PRO A 257 -16.95 -41.74 17.19
N SER A 258 -17.11 -42.79 16.36
CA SER A 258 -16.05 -43.74 16.04
C SER A 258 -15.10 -43.29 14.93
N LEU A 259 -13.81 -43.54 15.11
CA LEU A 259 -12.79 -43.23 14.13
C LEU A 259 -12.77 -44.29 13.02
N ASN A 260 -13.05 -45.56 13.40
CA ASN A 260 -13.09 -46.69 12.47
C ASN A 260 -14.24 -46.53 11.47
N ALA A 261 -15.40 -46.00 11.94
CA ALA A 261 -16.57 -45.70 11.11
C ALA A 261 -16.18 -44.59 10.12
N ALA A 262 -15.43 -43.56 10.56
CA ALA A 262 -14.96 -42.45 9.71
C ALA A 262 -13.94 -42.95 8.69
N LYS A 263 -13.04 -43.87 9.09
CA LYS A 263 -12.01 -44.50 8.25
C LYS A 263 -12.62 -45.37 7.16
N SER A 264 -13.70 -46.10 7.48
CA SER A 264 -14.39 -46.95 6.51
C SER A 264 -15.14 -46.12 5.46
N GLU A 265 -15.75 -44.99 5.89
CA GLU A 265 -16.45 -44.08 4.99
C GLU A 265 -15.47 -43.38 4.02
N LEU A 266 -14.24 -43.13 4.49
CA LEU A 266 -13.15 -42.53 3.71
C LEU A 266 -12.66 -43.46 2.59
N ASP A 267 -12.40 -44.74 2.91
CA ASP A 267 -11.94 -45.76 1.96
C ASP A 267 -12.99 -46.05 0.87
N LYS A 268 -14.29 -45.87 1.19
CA LYS A 268 -15.38 -46.03 0.23
C LYS A 268 -15.48 -44.80 -0.69
N ALA A 269 -15.24 -43.59 -0.13
CA ALA A 269 -15.27 -42.31 -0.86
C ALA A 269 -14.13 -42.15 -1.87
N ILE A 270 -12.95 -42.73 -1.58
CA ILE A 270 -11.75 -42.64 -2.42
C ILE A 270 -11.63 -43.84 -3.39
N GLY A 271 -12.00 -45.02 -2.93
CA GLY A 271 -11.95 -46.24 -3.73
C GLY A 271 -10.72 -47.11 -3.51
N ARG A 272 -9.96 -46.85 -2.41
CA ARG A 272 -8.76 -47.59 -2.01
C ARG A 272 -8.52 -47.53 -0.48
N ASN A 273 -7.64 -48.39 0.07
CA ASN A 273 -7.34 -48.39 1.51
C ASN A 273 -6.41 -47.20 1.86
N THR A 274 -6.98 -46.00 2.09
CA THR A 274 -6.21 -44.76 2.39
C THR A 274 -5.41 -44.80 3.70
N ASN A 275 -6.00 -45.40 4.74
CA ASN A 275 -5.48 -45.53 6.11
C ASN A 275 -5.49 -44.17 6.85
N GLY A 276 -6.45 -43.32 6.50
CA GLY A 276 -6.67 -42.02 7.12
C GLY A 276 -5.93 -40.85 6.51
N VAL A 277 -5.12 -41.11 5.46
CA VAL A 277 -4.32 -40.09 4.77
C VAL A 277 -4.59 -40.07 3.27
N ILE A 278 -4.84 -38.87 2.71
CA ILE A 278 -5.09 -38.67 1.29
C ILE A 278 -4.09 -37.67 0.68
N THR A 279 -4.03 -37.71 -0.66
CA THR A 279 -3.22 -36.94 -1.58
C THR A 279 -3.97 -35.61 -1.83
N LYS A 280 -3.26 -34.51 -2.23
CA LYS A 280 -3.91 -33.21 -2.54
C LYS A 280 -4.86 -33.35 -3.74
N ASP A 281 -4.42 -34.09 -4.78
CA ASP A 281 -5.25 -34.34 -5.96
C ASP A 281 -6.52 -35.12 -5.60
N GLU A 282 -6.42 -36.09 -4.66
CA GLU A 282 -7.56 -36.86 -4.14
C GLU A 282 -8.53 -35.97 -3.33
N ALA A 283 -8.00 -35.00 -2.56
CA ALA A 283 -8.77 -34.03 -1.78
C ALA A 283 -9.56 -33.07 -2.70
N GLU A 284 -8.93 -32.59 -3.81
CA GLU A 284 -9.57 -31.71 -4.80
C GLU A 284 -10.69 -32.43 -5.57
N LYS A 285 -10.52 -33.75 -5.85
CA LYS A 285 -11.49 -34.60 -6.56
C LYS A 285 -12.77 -34.75 -5.74
N LEU A 286 -12.62 -34.86 -4.41
CA LEU A 286 -13.69 -34.98 -3.43
C LEU A 286 -14.43 -33.62 -3.32
N PHE A 287 -13.65 -32.50 -3.30
CA PHE A 287 -14.18 -31.13 -3.24
C PHE A 287 -15.06 -30.81 -4.46
N ASN A 288 -14.63 -31.24 -5.68
CA ASN A 288 -15.37 -31.06 -6.94
C ASN A 288 -16.68 -31.83 -6.94
N GLN A 289 -16.76 -32.96 -6.21
CA GLN A 289 -18.00 -33.73 -6.07
C GLN A 289 -18.95 -33.00 -5.11
N ASP A 290 -18.38 -32.35 -4.06
CA ASP A 290 -19.14 -31.57 -3.06
C ASP A 290 -19.79 -30.33 -3.66
N VAL A 291 -19.04 -29.55 -4.49
CA VAL A 291 -19.52 -28.34 -5.18
C VAL A 291 -20.71 -28.66 -6.12
N ASP A 292 -20.60 -29.76 -6.90
CA ASP A 292 -21.67 -30.22 -7.78
C ASP A 292 -22.96 -30.46 -6.99
N ALA A 293 -22.86 -31.16 -5.83
CA ALA A 293 -24.00 -31.43 -4.95
C ALA A 293 -24.57 -30.15 -4.33
N ALA A 294 -23.73 -29.15 -4.03
CA ALA A 294 -24.18 -27.87 -3.47
C ALA A 294 -25.05 -27.13 -4.51
N VAL A 295 -24.53 -26.96 -5.75
CA VAL A 295 -25.20 -26.29 -6.88
C VAL A 295 -26.53 -26.98 -7.25
N ARG A 296 -26.54 -28.33 -7.42
CA ARG A 296 -27.76 -29.10 -7.71
C ARG A 296 -28.84 -28.86 -6.64
N GLY A 297 -28.42 -28.71 -5.37
CA GLY A 297 -29.31 -28.40 -4.25
C GLY A 297 -29.99 -27.05 -4.36
N ILE A 298 -29.20 -26.00 -4.70
CA ILE A 298 -29.60 -24.61 -4.93
C ILE A 298 -30.63 -24.55 -6.06
N LEU A 299 -30.40 -25.32 -7.17
CA LEU A 299 -31.33 -25.37 -8.33
C LEU A 299 -32.67 -26.00 -7.94
N ARG A 300 -32.65 -26.96 -7.01
CA ARG A 300 -33.85 -27.64 -6.53
C ARG A 300 -34.48 -26.96 -5.28
N ASN A 301 -34.06 -25.71 -4.97
CA ASN A 301 -34.62 -24.90 -3.89
C ASN A 301 -35.34 -23.69 -4.50
N ALA A 302 -36.65 -23.56 -4.23
CA ALA A 302 -37.54 -22.52 -4.77
C ALA A 302 -37.09 -21.08 -4.54
N LYS A 303 -36.44 -20.82 -3.37
CA LYS A 303 -35.95 -19.51 -2.96
C LYS A 303 -34.57 -19.19 -3.51
N LEU A 304 -33.67 -20.19 -3.50
CA LEU A 304 -32.28 -20.02 -3.92
C LEU A 304 -32.08 -19.98 -5.45
N LYS A 305 -32.92 -20.70 -6.24
CA LYS A 305 -32.81 -20.74 -7.70
C LYS A 305 -32.82 -19.32 -8.38
N PRO A 306 -33.86 -18.44 -8.20
CA PRO A 306 -33.82 -17.12 -8.86
C PRO A 306 -32.66 -16.19 -8.47
N VAL A 307 -32.09 -16.36 -7.26
CA VAL A 307 -30.95 -15.59 -6.73
C VAL A 307 -29.64 -16.03 -7.39
N TYR A 308 -29.42 -17.36 -7.55
CA TYR A 308 -28.24 -17.95 -8.21
C TYR A 308 -28.15 -17.49 -9.68
N ASP A 309 -29.33 -17.38 -10.36
CA ASP A 309 -29.49 -16.93 -11.74
C ASP A 309 -29.08 -15.48 -11.98
N SER A 310 -29.33 -14.59 -11.00
CA SER A 310 -29.02 -13.15 -11.09
C SER A 310 -27.57 -12.82 -10.75
N LEU A 311 -26.96 -13.55 -9.79
CA LEU A 311 -25.58 -13.35 -9.32
C LEU A 311 -24.53 -13.72 -10.36
N ASP A 312 -23.40 -13.00 -10.35
CA ASP A 312 -22.24 -13.24 -11.24
C ASP A 312 -21.38 -14.40 -10.69
N ALA A 313 -20.35 -14.84 -11.46
CA ALA A 313 -19.50 -15.98 -11.08
C ALA A 313 -18.81 -15.86 -9.70
N VAL A 314 -18.25 -14.67 -9.36
CA VAL A 314 -17.58 -14.40 -8.07
C VAL A 314 -18.60 -14.47 -6.91
N ARG A 315 -19.73 -13.73 -7.05
CA ARG A 315 -20.81 -13.69 -6.07
C ARG A 315 -21.48 -15.06 -5.84
N ARG A 316 -21.50 -15.94 -6.87
CA ARG A 316 -22.09 -17.28 -6.74
C ARG A 316 -21.23 -18.14 -5.83
N ALA A 317 -19.90 -18.01 -5.94
CA ALA A 317 -18.92 -18.68 -5.08
C ALA A 317 -19.12 -18.28 -3.61
N ALA A 318 -19.55 -17.01 -3.34
CA ALA A 318 -19.84 -16.50 -1.99
C ALA A 318 -21.14 -17.08 -1.40
N LEU A 319 -22.14 -17.40 -2.25
CA LEU A 319 -23.40 -18.01 -1.80
C LEU A 319 -23.22 -19.51 -1.52
N ILE A 320 -22.38 -20.19 -2.35
CA ILE A 320 -22.02 -21.62 -2.20
C ILE A 320 -21.30 -21.76 -0.84
N ASN A 321 -20.40 -20.80 -0.53
CA ASN A 321 -19.64 -20.70 0.73
C ASN A 321 -20.59 -20.69 1.96
N MET A 322 -21.72 -19.93 1.90
CA MET A 322 -22.74 -19.85 2.94
C MET A 322 -23.46 -21.20 3.12
N VAL A 323 -23.64 -21.97 2.02
CA VAL A 323 -24.29 -23.29 2.01
C VAL A 323 -23.42 -24.33 2.75
N PHE A 324 -22.09 -24.30 2.52
CA PHE A 324 -21.11 -25.18 3.17
C PHE A 324 -21.13 -24.98 4.70
N GLN A 325 -21.33 -23.71 5.16
CA GLN A 325 -21.37 -23.30 6.57
C GLN A 325 -22.70 -23.59 7.31
N MET A 326 -23.87 -23.35 6.68
CA MET A 326 -25.14 -23.50 7.39
C MET A 326 -26.28 -24.23 6.62
N GLY A 327 -25.95 -24.94 5.53
CA GLY A 327 -26.93 -25.69 4.74
C GLY A 327 -27.94 -24.86 3.96
N GLU A 328 -28.65 -25.49 3.02
CA GLU A 328 -29.65 -24.82 2.15
C GLU A 328 -30.86 -24.24 2.90
N THR A 329 -31.32 -24.93 3.96
CA THR A 329 -32.47 -24.53 4.78
C THR A 329 -32.18 -23.27 5.61
N GLY A 330 -30.91 -23.05 5.94
CA GLY A 330 -30.45 -21.89 6.71
C GLY A 330 -30.31 -20.63 5.88
N VAL A 331 -29.73 -20.76 4.65
CA VAL A 331 -29.50 -19.65 3.69
C VAL A 331 -30.85 -19.09 3.19
N ALA A 332 -31.86 -19.98 3.06
CA ALA A 332 -33.21 -19.62 2.63
C ALA A 332 -34.00 -18.83 3.71
N GLY A 333 -33.40 -18.66 4.90
CA GLY A 333 -33.99 -17.92 6.01
C GLY A 333 -33.80 -16.41 5.98
N PHE A 334 -32.94 -15.89 5.07
CA PHE A 334 -32.68 -14.44 4.91
C PHE A 334 -33.57 -13.86 3.78
N THR A 335 -34.90 -14.03 3.90
CA THR A 335 -35.89 -13.60 2.90
C THR A 335 -35.71 -12.13 2.43
N ASN A 336 -35.52 -11.18 3.36
CA ASN A 336 -35.32 -9.76 3.04
C ASN A 336 -33.96 -9.44 2.43
N SER A 337 -32.92 -10.21 2.80
CA SER A 337 -31.56 -10.04 2.27
C SER A 337 -31.44 -10.63 0.87
N LEU A 338 -32.05 -11.83 0.67
CA LEU A 338 -32.09 -12.60 -0.57
C LEU A 338 -32.66 -11.79 -1.74
N ARG A 339 -33.70 -10.98 -1.46
CA ARG A 339 -34.34 -10.10 -2.44
C ARG A 339 -33.45 -8.89 -2.78
N MET A 340 -32.78 -8.31 -1.76
CA MET A 340 -31.87 -7.15 -1.91
C MET A 340 -30.69 -7.50 -2.79
N LEU A 341 -30.20 -8.75 -2.67
CA LEU A 341 -29.10 -9.33 -3.46
C LEU A 341 -29.49 -9.48 -4.94
N GLN A 342 -30.73 -9.99 -5.22
CA GLN A 342 -31.28 -10.16 -6.57
C GLN A 342 -31.50 -8.79 -7.25
N GLN A 343 -32.04 -7.81 -6.48
CA GLN A 343 -32.33 -6.45 -6.92
C GLN A 343 -31.04 -5.63 -7.07
N LYS A 344 -29.87 -6.25 -6.78
CA LYS A 344 -28.52 -5.68 -6.87
C LYS A 344 -28.32 -4.46 -5.95
N ARG A 345 -28.89 -4.53 -4.74
CA ARG A 345 -28.78 -3.51 -3.70
C ARG A 345 -27.76 -4.01 -2.67
N TRP A 346 -26.49 -4.08 -3.11
CA TRP A 346 -25.35 -4.59 -2.32
C TRP A 346 -25.14 -3.88 -0.99
N ASP A 347 -25.45 -2.56 -0.92
CA ASP A 347 -25.29 -1.77 0.29
C ASP A 347 -26.37 -2.04 1.35
N GLU A 348 -27.65 -2.17 0.92
CA GLU A 348 -28.78 -2.41 1.80
C GLU A 348 -28.81 -3.83 2.37
N ALA A 349 -28.22 -4.81 1.65
CA ALA A 349 -28.14 -6.21 2.04
C ALA A 349 -26.98 -6.46 3.03
N ALA A 350 -25.87 -5.69 2.90
CA ALA A 350 -24.67 -5.75 3.75
C ALA A 350 -25.01 -5.40 5.20
N VAL A 351 -25.80 -4.33 5.41
CA VAL A 351 -26.26 -3.88 6.74
C VAL A 351 -27.34 -4.81 7.30
N ASN A 352 -28.17 -5.40 6.41
CA ASN A 352 -29.24 -6.33 6.77
C ASN A 352 -28.69 -7.68 7.25
N LEU A 353 -27.62 -8.18 6.60
CA LEU A 353 -26.96 -9.43 6.97
C LEU A 353 -26.04 -9.28 8.19
N ALA A 354 -25.62 -8.03 8.50
CA ALA A 354 -24.75 -7.73 9.65
C ALA A 354 -25.54 -7.80 10.97
N LYS A 355 -26.87 -7.58 10.90
CA LYS A 355 -27.78 -7.62 12.05
C LYS A 355 -28.25 -9.04 12.37
N SER A 356 -27.71 -10.05 11.65
CA SER A 356 -28.03 -11.47 11.83
C SER A 356 -27.18 -12.11 12.94
N ARG A 357 -27.69 -13.22 13.52
CA ARG A 357 -26.98 -13.97 14.56
C ARG A 357 -25.75 -14.71 13.98
N TRP A 358 -25.76 -14.97 12.65
CA TRP A 358 -24.67 -15.59 11.88
C TRP A 358 -23.42 -14.69 12.02
N TYR A 359 -23.61 -13.35 11.92
CA TYR A 359 -22.60 -12.33 12.10
C TYR A 359 -22.14 -12.29 13.57
N ASN A 360 -23.08 -12.44 14.52
CA ASN A 360 -22.80 -12.42 15.96
C ASN A 360 -21.96 -13.63 16.42
N GLN A 361 -22.26 -14.82 15.85
CA GLN A 361 -21.58 -16.08 16.15
C GLN A 361 -20.19 -16.15 15.51
N THR A 362 -20.12 -15.99 14.17
CA THR A 362 -18.89 -16.07 13.38
C THR A 362 -18.58 -14.70 12.69
N PRO A 363 -18.02 -13.70 13.41
CA PRO A 363 -17.79 -12.38 12.78
C PRO A 363 -16.87 -12.36 11.56
N ASN A 364 -15.67 -12.98 11.65
CA ASN A 364 -14.65 -13.02 10.58
C ASN A 364 -15.12 -13.68 9.28
N ARG A 365 -15.75 -14.88 9.36
CA ARG A 365 -16.23 -15.57 8.16
C ARG A 365 -17.33 -14.77 7.44
N ALA A 366 -18.30 -14.24 8.22
CA ALA A 366 -19.41 -13.40 7.75
C ALA A 366 -18.93 -12.07 7.14
N LYS A 367 -17.95 -11.38 7.78
CA LYS A 367 -17.37 -10.13 7.30
C LYS A 367 -16.70 -10.29 5.93
N ARG A 368 -16.00 -11.43 5.71
CA ARG A 368 -15.32 -11.74 4.43
C ARG A 368 -16.31 -12.06 3.33
N VAL A 369 -17.43 -12.72 3.67
CA VAL A 369 -18.52 -13.11 2.76
C VAL A 369 -19.31 -11.87 2.31
N ILE A 370 -19.74 -11.02 3.27
CA ILE A 370 -20.52 -9.80 3.04
C ILE A 370 -19.76 -8.82 2.12
N THR A 371 -18.45 -8.61 2.34
CA THR A 371 -17.63 -7.70 1.52
C THR A 371 -17.53 -8.20 0.05
N THR A 372 -17.53 -9.55 -0.17
CA THR A 372 -17.52 -10.15 -1.52
C THR A 372 -18.85 -9.81 -2.22
N PHE A 373 -19.99 -9.93 -1.49
CA PHE A 373 -21.34 -9.58 -2.02
C PHE A 373 -21.46 -8.09 -2.33
N ARG A 374 -20.64 -7.25 -1.67
CA ARG A 374 -20.63 -5.81 -1.83
C ARG A 374 -19.71 -5.32 -2.96
N THR A 375 -18.49 -5.90 -3.08
CA THR A 375 -17.50 -5.49 -4.09
C THR A 375 -17.51 -6.32 -5.38
N GLY A 376 -17.74 -7.63 -5.26
CA GLY A 376 -17.71 -8.55 -6.40
C GLY A 376 -16.28 -8.90 -6.79
N THR A 377 -15.35 -8.88 -5.79
CA THR A 377 -13.94 -9.21 -5.97
C THR A 377 -13.47 -10.29 -4.97
N TRP A 378 -12.25 -10.82 -5.17
CA TRP A 378 -11.63 -11.82 -4.30
C TRP A 378 -10.72 -11.17 -3.27
N ASP A 379 -10.71 -9.82 -3.21
CA ASP A 379 -9.82 -8.99 -2.37
C ASP A 379 -9.87 -9.27 -0.84
N ALA A 380 -10.96 -9.84 -0.32
CA ALA A 380 -11.10 -10.15 1.11
C ALA A 380 -10.38 -11.46 1.48
N TYR A 381 -10.16 -12.33 0.46
CA TYR A 381 -9.52 -13.64 0.60
C TYR A 381 -8.09 -13.63 0.10
N ALA A 382 -7.12 -13.60 1.05
CA ALA A 382 -5.67 -13.53 0.77
C ALA A 382 -4.82 -13.91 1.98
N ARG A 383 -3.72 -14.65 1.73
CA ARG A 383 -2.76 -14.96 2.79
C ARG A 383 -1.88 -13.70 2.97
N MET A 384 -1.68 -13.25 4.23
CA MET A 384 -0.94 -12.01 4.58
C MET A 384 -1.61 -10.85 3.84
N ARG A 385 -2.89 -10.57 4.10
CA ARG A 385 -3.57 -9.53 3.35
C ARG A 385 -3.17 -8.08 3.76
N LEU A 386 -2.72 -7.82 5.01
CA LEU A 386 -2.28 -6.48 5.43
C LEU A 386 -0.90 -6.14 4.86
N ASP A 387 -0.13 -7.18 4.51
CA ASP A 387 1.18 -7.07 3.87
C ASP A 387 0.99 -6.87 2.37
N VAL A 388 -0.01 -7.56 1.76
CA VAL A 388 -0.35 -7.42 0.34
C VAL A 388 -0.99 -6.04 0.08
N GLU A 389 -1.90 -5.59 0.97
CA GLU A 389 -2.53 -4.28 0.86
C GLU A 389 -1.53 -3.10 1.00
N LEU A 390 -0.43 -3.28 1.78
CA LEU A 390 0.62 -2.26 1.95
C LEU A 390 1.44 -2.13 0.67
N ALA A 391 1.69 -3.26 -0.03
CA ALA A 391 2.39 -3.33 -1.32
C ALA A 391 1.52 -2.66 -2.39
N LYS A 392 0.18 -2.72 -2.22
CA LYS A 392 -0.79 -2.08 -3.12
C LYS A 392 -0.81 -0.56 -2.89
N THR A 393 -0.53 -0.09 -1.64
CA THR A 393 -0.54 1.33 -1.27
C THR A 393 0.74 2.06 -1.76
N LEU A 394 1.89 1.38 -1.67
CA LEU A 394 3.20 1.85 -2.09
C LEU A 394 3.21 2.13 -3.59
N GLY A 395 2.54 1.27 -4.37
CA GLY A 395 2.41 1.40 -5.82
C GLY A 395 1.68 2.66 -6.24
N LEU A 396 0.65 3.04 -5.47
CA LEU A 396 -0.11 4.28 -5.74
C LEU A 396 0.70 5.53 -5.34
N VAL A 397 1.57 5.41 -4.32
CA VAL A 397 2.46 6.46 -3.81
C VAL A 397 3.58 6.72 -4.84
N LEU A 398 4.16 5.62 -5.40
CA LEU A 398 5.20 5.64 -6.44
C LEU A 398 4.68 6.29 -7.73
N ALA A 399 3.44 5.97 -8.13
CA ALA A 399 2.79 6.51 -9.34
C ALA A 399 2.62 8.04 -9.25
N VAL A 400 2.11 8.55 -8.12
CA VAL A 400 1.92 9.99 -7.86
C VAL A 400 3.30 10.71 -7.93
N LEU A 401 4.37 10.11 -7.33
CA LEU A 401 5.75 10.63 -7.32
C LEU A 401 6.27 10.85 -8.74
N LEU A 402 6.17 9.81 -9.59
CA LEU A 402 6.61 9.82 -10.99
C LEU A 402 5.79 10.78 -11.87
N ILE A 403 4.54 11.10 -11.47
CA ILE A 403 3.69 12.05 -12.21
C ILE A 403 4.12 13.49 -11.87
N CYS A 404 4.25 13.81 -10.56
CA CYS A 404 4.56 15.13 -10.02
C CYS A 404 5.98 15.62 -10.27
N TRP A 405 6.97 14.71 -10.23
CA TRP A 405 8.38 15.07 -10.44
C TRP A 405 8.79 15.13 -11.93
N PHE A 406 8.07 14.42 -12.82
CA PHE A 406 8.36 14.37 -14.27
C PHE A 406 8.47 15.78 -14.91
N PRO A 407 7.45 16.70 -14.88
CA PRO A 407 7.64 18.02 -15.54
C PRO A 407 8.81 18.83 -14.98
N VAL A 408 9.02 18.77 -13.64
CA VAL A 408 10.13 19.43 -12.94
C VAL A 408 11.49 18.87 -13.42
N LEU A 409 11.64 17.52 -13.46
CA LEU A 409 12.86 16.85 -13.94
C LEU A 409 13.13 17.05 -15.45
N ALA A 410 12.06 17.03 -16.28
CA ALA A 410 12.14 17.20 -17.73
C ALA A 410 12.65 18.59 -18.14
N LEU A 411 12.36 19.61 -17.30
CA LEU A 411 12.80 20.99 -17.53
C LEU A 411 14.27 21.15 -17.18
N MET A 412 14.73 20.45 -16.13
CA MET A 412 16.12 20.43 -15.66
C MET A 412 17.03 19.75 -16.69
N ALA A 413 16.53 18.70 -17.36
CA ALA A 413 17.27 17.98 -18.41
C ALA A 413 17.36 18.86 -19.67
N HIS A 414 16.32 19.69 -19.91
CA HIS A 414 16.24 20.66 -21.02
C HIS A 414 17.16 21.86 -20.74
N SER A 415 17.40 22.14 -19.44
CA SER A 415 18.26 23.19 -18.90
C SER A 415 19.75 22.93 -19.27
N LEU A 416 20.13 21.65 -19.43
CA LEU A 416 21.48 21.19 -19.80
C LEU A 416 21.70 21.22 -21.32
N ALA A 417 20.62 21.02 -22.09
CA ALA A 417 20.63 20.96 -23.55
C ALA A 417 20.66 22.31 -24.26
N THR A 418 19.76 23.23 -23.88
CA THR A 418 19.65 24.56 -24.51
C THR A 418 19.47 25.70 -23.50
N THR A 419 19.87 26.92 -23.93
CA THR A 419 19.78 28.19 -23.19
C THR A 419 18.31 28.51 -22.95
N LEU A 420 17.94 28.77 -21.68
CA LEU A 420 16.55 29.05 -21.31
C LEU A 420 16.20 30.54 -21.34
N SER A 421 14.97 30.83 -21.79
CA SER A 421 14.40 32.17 -21.86
C SER A 421 13.96 32.59 -20.44
N ASP A 422 13.65 33.89 -20.26
CA ASP A 422 13.18 34.42 -18.98
C ASP A 422 11.80 33.85 -18.59
N GLN A 423 10.87 33.75 -19.56
CA GLN A 423 9.51 33.22 -19.39
C GLN A 423 9.47 31.74 -18.99
N VAL A 424 10.45 30.95 -19.46
CA VAL A 424 10.59 29.51 -19.17
C VAL A 424 11.02 29.35 -17.71
N LYS A 425 11.93 30.24 -17.22
CA LYS A 425 12.42 30.27 -15.84
C LYS A 425 11.27 30.60 -14.89
N LYS A 426 10.33 31.46 -15.34
CA LYS A 426 9.11 31.83 -14.62
C LYS A 426 8.20 30.58 -14.47
N ALA A 427 8.10 29.75 -15.54
CA ALA A 427 7.30 28.53 -15.55
C ALA A 427 7.84 27.51 -14.56
N PHE A 428 9.20 27.39 -14.42
CA PHE A 428 9.85 26.46 -13.48
C PHE A 428 9.57 26.81 -12.01
N ALA A 429 9.52 28.12 -11.66
CA ALA A 429 9.24 28.57 -10.29
C ALA A 429 7.84 28.11 -9.84
N PHE A 430 6.84 28.25 -10.73
CA PHE A 430 5.46 27.81 -10.50
C PHE A 430 5.36 26.29 -10.63
N CYS A 431 6.19 25.68 -11.50
CA CYS A 431 6.25 24.24 -11.78
C CYS A 431 6.70 23.45 -10.57
N SER A 432 7.71 23.97 -9.85
CA SER A 432 8.27 23.37 -8.65
C SER A 432 7.25 23.20 -7.53
N MET A 433 6.09 23.88 -7.63
CA MET A 433 5.00 23.77 -6.66
C MET A 433 4.40 22.35 -6.64
N LEU A 434 4.69 21.54 -7.69
CA LEU A 434 4.27 20.15 -7.83
C LEU A 434 4.95 19.23 -6.82
N CYS A 435 6.16 19.62 -6.35
CA CYS A 435 6.95 18.90 -5.34
C CYS A 435 6.27 19.05 -3.98
N LEU A 436 5.51 20.16 -3.81
CA LEU A 436 4.76 20.46 -2.58
C LEU A 436 3.37 19.80 -2.55
N ILE A 437 2.72 19.59 -3.72
CA ILE A 437 1.42 18.92 -3.76
C ILE A 437 1.59 17.40 -3.56
N ASN A 438 2.69 16.83 -4.10
CA ASN A 438 3.06 15.41 -4.00
C ASN A 438 3.14 15.00 -2.53
N SER A 439 3.81 15.84 -1.72
CA SER A 439 4.00 15.68 -0.28
C SER A 439 2.67 15.83 0.49
N MET A 440 1.66 16.43 -0.15
CA MET A 440 0.32 16.63 0.42
C MET A 440 -0.61 15.47 0.05
N VAL A 441 -0.37 14.81 -1.11
CA VAL A 441 -1.17 13.69 -1.59
C VAL A 441 -0.88 12.40 -0.77
N ASN A 442 0.43 12.14 -0.45
CA ASN A 442 0.93 10.99 0.34
C ASN A 442 0.24 10.76 1.71
N PRO A 443 0.10 11.75 2.64
CA PRO A 443 -0.54 11.46 3.95
C PRO A 443 -2.05 11.22 3.89
N VAL A 444 -2.69 11.51 2.74
CA VAL A 444 -4.13 11.30 2.52
C VAL A 444 -4.33 9.86 2.07
N ILE A 445 -3.39 9.34 1.22
CA ILE A 445 -3.39 7.95 0.72
C ILE A 445 -3.18 6.98 1.91
N TYR A 446 -2.19 7.27 2.78
CA TYR A 446 -1.86 6.44 3.94
C TYR A 446 -2.95 6.42 5.03
N ALA A 447 -3.72 7.53 5.16
CA ALA A 447 -4.81 7.67 6.12
C ALA A 447 -6.14 7.12 5.59
N LEU A 448 -6.19 6.74 4.29
CA LEU A 448 -7.39 6.20 3.66
C LEU A 448 -7.27 4.75 3.19
N ARG A 449 -6.02 4.23 3.04
CA ARG A 449 -5.82 2.86 2.57
C ARG A 449 -5.22 1.92 3.63
N SER A 450 -4.23 2.37 4.40
CA SER A 450 -3.63 1.53 5.44
C SER A 450 -4.52 1.45 6.69
N GLU A 451 -5.03 0.24 6.97
CA GLU A 451 -5.91 -0.05 8.10
C GLU A 451 -5.24 0.13 9.46
N GLU A 452 -3.93 -0.18 9.56
CA GLU A 452 -3.17 -0.06 10.81
C GLU A 452 -2.95 1.42 11.21
N ILE A 453 -2.81 2.33 10.21
CA ILE A 453 -2.67 3.77 10.45
C ILE A 453 -4.07 4.34 10.79
N ARG A 454 -5.13 3.75 10.18
CA ARG A 454 -6.54 4.12 10.39
C ARG A 454 -7.01 3.86 11.83
N SER A 455 -6.70 2.67 12.36
CA SER A 455 -7.10 2.26 13.72
C SER A 455 -6.27 2.94 14.81
N SER A 456 -5.00 3.29 14.49
CA SER A 456 -4.09 3.97 15.41
C SER A 456 -4.55 5.40 15.71
N ALA A 457 -5.20 6.05 14.71
CA ALA A 457 -5.75 7.40 14.81
C ALA A 457 -7.02 7.40 15.69
N HIS A 458 -7.78 6.26 15.68
CA HIS A 458 -9.00 6.10 16.47
CA HIS A 458 -9.00 6.07 16.47
C HIS A 458 -8.67 5.91 17.96
N HIS A 459 -7.62 5.13 18.26
CA HIS A 459 -7.17 4.87 19.63
C HIS A 459 -6.47 6.07 20.28
N CYS A 460 -5.89 6.97 19.44
CA CYS A 460 -5.20 8.19 19.89
C CYS A 460 -6.18 9.31 20.23
N LEU A 461 -7.33 9.38 19.51
CA LEU A 461 -8.39 10.37 19.71
C LEU A 461 -9.12 10.15 21.05
N ALA A 462 -9.08 8.91 21.59
CA ALA A 462 -9.68 8.54 22.87
C ALA A 462 -8.94 9.19 24.05
N HIS A 463 -7.60 9.30 23.96
CA HIS A 463 -6.74 9.92 24.97
C HIS A 463 -6.72 11.45 24.84
N TRP A 464 -6.93 11.97 23.61
CA TRP A 464 -6.96 13.41 23.29
C TRP A 464 -8.24 14.10 23.77
N LYS A 465 -9.39 13.40 23.71
CA LYS A 465 -10.70 13.92 24.12
C LYS A 465 -10.96 13.74 25.62
N LYS A 466 -10.70 12.53 26.16
CA LYS A 466 -10.91 12.20 27.58
C LYS A 466 -9.68 12.50 28.42
#